data_4JQ1
#
_entry.id   4JQ1
#
_cell.length_a   142.519
_cell.length_b   142.519
_cell.length_c   205.773
_cell.angle_alpha   90.00
_cell.angle_beta   90.00
_cell.angle_gamma   120.00
#
_symmetry.space_group_name_H-M   'H 3 2'
#
loop_
_entity.id
_entity.type
_entity.pdbx_description
1 polymer 'Aldo-keto reductase family 1 member C2'
2 non-polymer '(2S)-2-(6-methoxynaphthalen-2-yl)propanoic acid'
3 non-polymer 'NADP NICOTINAMIDE-ADENINE-DINUCLEOTIDE PHOSPHATE'
4 non-polymer 1,2-ETHANEDIOL
5 non-polymer 'L(+)-TARTARIC ACID'
6 non-polymer 'PHOSPHATE ION'
7 water water
#
_entity_poly.entity_id   1
_entity_poly.type   'polypeptide(L)'
_entity_poly.pdbx_seq_one_letter_code
;MDSKYQCVKLNDGHFMPVLGFGTYAPAEVPKSKALEAVKLAIEAGFHHIDSAHVYNNEEQVGLAIRSKIADGSVKREDIF
YTSKLWSNSHRPELVRPALERSLKNLQLDYVDLYLIHFPVSVKPGEEVIPKDENGKILFDTVDLCATWEAMEKCKDAGLA
KSIGVSNFNHRLLEMILNKPGLKYKPVCNQVECHPYFNQRKLLDFCKSKDIVLVAYSALGSHREEPWVDPNSPVLLEDPV
LCALAKKHKRTPALIALRYQLQRGVVVLAKSYNEQRIRQNVQVFEFQLTSEEMKAIDGLNRNVRYLTLDIFAGPPNYPFS
DEYLEHHHHHH
;
_entity_poly.pdbx_strand_id   A,B
#
# COMPACT_ATOMS: atom_id res chain seq x y z
N LYS A 4 -8.73 5.05 8.65
CA LYS A 4 -7.60 4.79 7.75
C LYS A 4 -7.69 3.36 7.15
N TYR A 5 -7.22 3.23 5.91
CA TYR A 5 -7.25 1.98 5.24
C TYR A 5 -6.30 2.06 4.05
N GLN A 6 -5.81 0.91 3.58
CA GLN A 6 -4.78 0.87 2.55
C GLN A 6 -5.33 1.21 1.16
N CYS A 7 -4.72 2.23 0.54
CA CYS A 7 -5.04 2.73 -0.78
C CYS A 7 -3.80 2.90 -1.64
N VAL A 8 -4.02 2.94 -2.93
CA VAL A 8 -2.96 3.18 -3.91
C VAL A 8 -3.27 4.47 -4.68
N LYS A 9 -2.22 5.27 -4.92
CA LYS A 9 -2.40 6.48 -5.73
C LYS A 9 -2.51 6.15 -7.21
N LEU A 10 -3.59 6.61 -7.79
CA LEU A 10 -3.86 6.39 -9.22
C LEU A 10 -3.19 7.53 -10.08
N ASN A 11 -3.02 7.25 -11.38
CA ASN A 11 -2.32 8.23 -12.25
C ASN A 11 -3.07 9.54 -12.46
N ASP A 12 -4.27 9.63 -11.96
CA ASP A 12 -4.99 10.88 -12.00
C ASP A 12 -4.96 11.59 -10.66
N GLY A 13 -4.16 11.07 -9.72
CA GLY A 13 -4.11 11.69 -8.37
C GLY A 13 -5.20 11.23 -7.37
N HIS A 14 -6.17 10.42 -7.82
CA HIS A 14 -7.20 9.88 -6.90
C HIS A 14 -6.63 8.64 -6.25
N PHE A 15 -7.28 8.23 -5.16
CA PHE A 15 -6.84 7.06 -4.41
C PHE A 15 -7.82 5.91 -4.46
N MET A 16 -7.31 4.69 -4.68
CA MET A 16 -8.13 3.48 -4.75
C MET A 16 -7.78 2.53 -3.63
N PRO A 17 -8.79 2.12 -2.81
CA PRO A 17 -8.49 1.14 -1.77
C PRO A 17 -8.10 -0.15 -2.41
N VAL A 18 -7.10 -0.85 -1.85
CA VAL A 18 -6.45 -1.98 -2.51
C VAL A 18 -7.21 -3.33 -2.46
N LEU A 19 -8.23 -3.39 -1.57
CA LEU A 19 -9.15 -4.48 -1.49
C LEU A 19 -10.52 -3.96 -1.90
N GLY A 20 -11.12 -4.57 -2.91
CA GLY A 20 -12.47 -4.22 -3.34
C GLY A 20 -13.40 -5.42 -3.20
N PHE A 21 -14.69 -5.09 -3.07
CA PHE A 21 -15.75 -6.04 -2.82
C PHE A 21 -16.48 -6.24 -4.15
N GLY A 22 -16.49 -7.46 -4.63
CA GLY A 22 -17.11 -7.86 -5.90
C GLY A 22 -18.59 -8.05 -5.60
N THR A 23 -19.44 -7.65 -6.54
CA THR A 23 -20.86 -7.70 -6.24
C THR A 23 -21.67 -8.61 -7.22
N TYR A 24 -21.04 -9.15 -8.24
CA TYR A 24 -21.78 -10.01 -9.19
C TYR A 24 -22.20 -11.32 -8.53
N ALA A 25 -23.42 -11.71 -8.75
CA ALA A 25 -23.87 -13.11 -8.45
C ALA A 25 -24.78 -13.59 -9.63
N PRO A 26 -24.82 -14.91 -9.89
CA PRO A 26 -25.73 -15.45 -10.94
C PRO A 26 -27.16 -14.94 -10.82
N ALA A 27 -27.82 -14.71 -11.96
CA ALA A 27 -29.24 -14.30 -12.07
C ALA A 27 -30.21 -14.97 -11.07
N GLU A 28 -29.97 -16.25 -10.74
CA GLU A 28 -30.84 -16.99 -9.83
C GLU A 28 -30.63 -16.71 -8.33
N VAL A 29 -29.57 -15.98 -7.98
CA VAL A 29 -29.43 -15.47 -6.61
C VAL A 29 -30.28 -14.23 -6.54
N PRO A 30 -31.19 -14.14 -5.56
CA PRO A 30 -32.04 -12.98 -5.53
C PRO A 30 -31.23 -11.70 -5.29
N LYS A 31 -31.74 -10.60 -5.83
CA LYS A 31 -31.05 -9.31 -5.75
C LYS A 31 -30.96 -8.76 -4.34
N SER A 32 -31.97 -9.03 -3.53
CA SER A 32 -31.92 -8.79 -2.08
C SER A 32 -30.58 -9.15 -1.42
N LYS A 33 -29.94 -10.24 -1.88
CA LYS A 33 -28.74 -10.67 -1.23
C LYS A 33 -27.60 -9.67 -1.49
N ALA A 34 -27.67 -8.93 -2.60
CA ALA A 34 -26.62 -7.87 -2.93
C ALA A 34 -26.70 -6.73 -1.89
N LEU A 35 -27.93 -6.35 -1.57
CA LEU A 35 -28.13 -5.27 -0.60
C LEU A 35 -27.45 -5.68 0.70
N GLU A 36 -27.76 -6.89 1.18
CA GLU A 36 -27.22 -7.32 2.46
C GLU A 36 -25.73 -7.51 2.44
N ALA A 37 -25.24 -8.12 1.38
CA ALA A 37 -23.84 -8.43 1.28
C ALA A 37 -23.02 -7.12 1.25
N VAL A 38 -23.47 -6.13 0.49
CA VAL A 38 -22.69 -4.86 0.44
C VAL A 38 -22.67 -4.12 1.79
N LYS A 39 -23.82 -4.09 2.52
CA LYS A 39 -23.79 -3.60 3.87
C LYS A 39 -22.81 -4.34 4.74
N LEU A 40 -22.78 -5.66 4.66
CA LEU A 40 -21.85 -6.41 5.48
C LEU A 40 -20.42 -6.10 5.10
N ALA A 41 -20.16 -5.96 3.81
CA ALA A 41 -18.82 -5.64 3.32
C ALA A 41 -18.30 -4.33 3.92
N ILE A 42 -19.16 -3.35 3.91
CA ILE A 42 -18.80 -2.02 4.46
C ILE A 42 -18.57 -2.14 5.94
N GLU A 43 -19.47 -2.85 6.66
CA GLU A 43 -19.24 -3.09 8.09
C GLU A 43 -17.93 -3.81 8.38
N ALA A 44 -17.52 -4.74 7.51
CA ALA A 44 -16.28 -5.56 7.71
C ALA A 44 -15.01 -4.73 7.48
N GLY A 45 -15.15 -3.63 6.79
CA GLY A 45 -14.01 -2.80 6.44
C GLY A 45 -13.71 -2.61 4.95
N PHE A 46 -14.53 -3.15 4.03
CA PHE A 46 -14.32 -2.84 2.62
C PHE A 46 -14.64 -1.38 2.35
N HIS A 47 -13.77 -0.71 1.63
CA HIS A 47 -14.01 0.66 1.27
C HIS A 47 -14.16 0.85 -0.23
N HIS A 48 -14.10 -0.23 -0.98
CA HIS A 48 -14.10 -0.20 -2.45
C HIS A 48 -15.14 -1.23 -2.83
N ILE A 49 -16.12 -0.85 -3.65
N ILE A 49 -16.13 -0.85 -3.65
CA ILE A 49 -17.19 -1.73 -4.11
CA ILE A 49 -17.24 -1.73 -4.07
C ILE A 49 -17.22 -1.69 -5.63
C ILE A 49 -17.27 -1.69 -5.60
N ASP A 50 -17.28 -2.89 -6.20
CA ASP A 50 -17.19 -3.06 -7.61
C ASP A 50 -18.51 -3.60 -8.18
N SER A 51 -19.17 -2.80 -9.02
CA SER A 51 -20.32 -3.24 -9.79
C SER A 51 -20.26 -2.84 -11.23
N ALA A 52 -21.44 -2.86 -11.86
CA ALA A 52 -21.53 -2.76 -13.30
C ALA A 52 -23.04 -2.69 -13.64
N HIS A 53 -23.34 -2.08 -14.77
CA HIS A 53 -24.71 -2.01 -15.24
C HIS A 53 -25.28 -3.43 -15.48
N VAL A 54 -24.45 -4.27 -16.10
CA VAL A 54 -24.87 -5.60 -16.53
C VAL A 54 -25.10 -6.59 -15.37
N TYR A 55 -24.70 -6.21 -14.16
CA TYR A 55 -24.90 -7.05 -12.98
C TYR A 55 -26.30 -6.96 -12.49
N ASN A 56 -27.07 -6.03 -13.05
CA ASN A 56 -28.46 -5.84 -12.63
C ASN A 56 -28.67 -5.80 -11.12
N ASN A 57 -27.79 -5.08 -10.41
CA ASN A 57 -27.84 -4.98 -8.95
C ASN A 57 -27.59 -3.56 -8.46
N GLU A 58 -27.43 -2.61 -9.36
CA GLU A 58 -27.04 -1.26 -8.90
C GLU A 58 -28.10 -0.62 -8.03
N GLU A 59 -29.37 -0.94 -8.24
CA GLU A 59 -30.41 -0.45 -7.31
C GLU A 59 -30.11 -0.89 -5.87
N GLN A 60 -29.79 -2.17 -5.70
CA GLN A 60 -29.50 -2.73 -4.42
C GLN A 60 -28.16 -2.30 -3.87
N VAL A 61 -27.13 -2.33 -4.72
CA VAL A 61 -25.80 -1.88 -4.28
C VAL A 61 -25.81 -0.39 -3.83
N GLY A 62 -26.47 0.45 -4.61
CA GLY A 62 -26.63 1.88 -4.25
C GLY A 62 -27.40 2.06 -2.97
N LEU A 63 -28.47 1.26 -2.76
CA LEU A 63 -29.18 1.33 -1.52
C LEU A 63 -28.33 0.95 -0.31
N ALA A 64 -27.48 -0.07 -0.45
CA ALA A 64 -26.57 -0.43 0.61
C ALA A 64 -25.70 0.78 0.97
N ILE A 65 -25.16 1.43 -0.05
CA ILE A 65 -24.19 2.48 0.18
C ILE A 65 -24.89 3.67 0.82
N ARG A 66 -26.03 4.04 0.28
CA ARG A 66 -26.85 5.11 0.83
C ARG A 66 -27.22 4.85 2.29
N SER A 67 -27.56 3.59 2.58
CA SER A 67 -27.97 3.22 3.89
C SER A 67 -26.85 3.39 4.90
N LYS A 68 -25.66 2.96 4.53
CA LYS A 68 -24.51 3.01 5.41
C LYS A 68 -23.94 4.41 5.61
N ILE A 69 -24.22 5.30 4.68
CA ILE A 69 -23.87 6.75 4.79
C ILE A 69 -24.93 7.39 5.67
N ALA A 70 -26.19 7.11 5.36
CA ALA A 70 -27.29 7.72 6.13
C ALA A 70 -27.28 7.27 7.59
N ASP A 71 -26.86 6.04 7.84
CA ASP A 71 -26.84 5.53 9.22
C ASP A 71 -25.59 6.01 10.02
N GLY A 72 -24.70 6.76 9.37
CA GLY A 72 -23.49 7.29 10.04
C GLY A 72 -22.29 6.39 10.11
N SER A 73 -22.39 5.20 9.52
CA SER A 73 -21.26 4.27 9.48
C SER A 73 -20.12 4.79 8.66
N VAL A 74 -20.40 5.41 7.52
CA VAL A 74 -19.29 5.76 6.64
C VAL A 74 -19.68 7.06 5.96
N LYS A 75 -18.69 7.85 5.53
CA LYS A 75 -18.95 9.01 4.69
C LYS A 75 -18.79 8.60 3.23
N ARG A 76 -19.42 9.34 2.35
CA ARG A 76 -19.30 9.04 0.93
C ARG A 76 -17.86 9.06 0.46
N GLU A 77 -17.05 9.96 0.96
N GLU A 77 -17.06 9.96 0.97
CA GLU A 77 -15.69 10.04 0.51
CA GLU A 77 -15.69 10.06 0.52
C GLU A 77 -14.84 8.88 0.92
C GLU A 77 -14.84 8.88 0.93
N ASP A 78 -15.35 8.06 1.82
CA ASP A 78 -14.63 6.82 2.20
C ASP A 78 -15.26 5.54 1.63
N ILE A 79 -16.00 5.72 0.56
CA ILE A 79 -16.49 4.63 -0.27
C ILE A 79 -15.96 4.97 -1.66
N PHE A 80 -15.38 3.96 -2.29
CA PHE A 80 -14.87 4.01 -3.64
C PHE A 80 -15.73 3.08 -4.43
N TYR A 81 -16.64 3.63 -5.22
CA TYR A 81 -17.61 2.82 -5.96
C TYR A 81 -17.29 2.85 -7.46
N THR A 82 -17.25 1.67 -8.05
CA THR A 82 -16.96 1.49 -9.47
C THR A 82 -18.16 0.98 -10.21
N SER A 83 -18.52 1.65 -11.30
CA SER A 83 -19.42 1.07 -12.31
C SER A 83 -18.70 0.84 -13.63
N LYS A 84 -19.43 0.21 -14.58
CA LYS A 84 -18.84 -0.13 -15.83
C LYS A 84 -19.89 0.11 -16.94
N LEU A 85 -19.39 0.73 -17.99
CA LEU A 85 -20.08 0.98 -19.21
C LEU A 85 -20.20 -0.30 -20.03
N TRP A 86 -21.44 -0.68 -20.32
CA TRP A 86 -21.68 -1.96 -21.02
C TRP A 86 -21.64 -1.63 -22.51
N SER A 87 -21.35 -2.67 -23.30
CA SER A 87 -20.96 -2.62 -24.73
C SER A 87 -22.08 -2.22 -25.68
N ASN A 88 -23.31 -2.09 -25.16
CA ASN A 88 -24.44 -1.51 -25.92
C ASN A 88 -24.42 0.03 -25.92
N SER A 89 -23.53 0.60 -25.11
CA SER A 89 -23.41 2.03 -25.03
C SER A 89 -21.99 2.54 -25.30
N HIS A 90 -21.25 1.82 -26.14
CA HIS A 90 -19.94 2.31 -26.62
C HIS A 90 -20.00 3.50 -27.55
N ARG A 91 -21.09 3.63 -28.28
CA ARG A 91 -21.18 4.82 -29.12
C ARG A 91 -21.01 6.08 -28.29
N PRO A 92 -20.20 7.03 -28.78
CA PRO A 92 -19.87 8.12 -27.83
C PRO A 92 -21.04 8.91 -27.26
N GLU A 93 -22.08 9.18 -28.04
CA GLU A 93 -23.24 9.89 -27.54
C GLU A 93 -24.05 9.15 -26.51
N LEU A 94 -23.77 7.83 -26.34
CA LEU A 94 -24.51 6.94 -25.43
C LEU A 94 -23.80 6.73 -24.10
N VAL A 95 -22.55 7.18 -24.02
CA VAL A 95 -21.68 6.91 -22.84
C VAL A 95 -22.22 7.68 -21.63
N ARG A 96 -22.46 8.95 -21.78
CA ARG A 96 -22.92 9.68 -20.61
C ARG A 96 -24.34 9.27 -20.13
N PRO A 97 -25.30 9.03 -21.06
CA PRO A 97 -26.59 8.53 -20.66
C PRO A 97 -26.48 7.25 -19.91
N ALA A 98 -25.54 6.37 -20.28
CA ALA A 98 -25.41 5.09 -19.58
C ALA A 98 -24.90 5.38 -18.17
N LEU A 99 -23.95 6.30 -18.07
CA LEU A 99 -23.43 6.65 -16.71
C LEU A 99 -24.53 7.29 -15.87
N GLU A 100 -25.30 8.22 -16.42
CA GLU A 100 -26.40 8.82 -15.71
C GLU A 100 -27.46 7.83 -15.33
N ARG A 101 -27.73 6.82 -16.18
CA ARG A 101 -28.68 5.78 -15.83
C ARG A 101 -28.18 5.00 -14.62
N SER A 102 -26.93 4.59 -14.64
CA SER A 102 -26.39 3.92 -13.47
C SER A 102 -26.49 4.78 -12.19
N LEU A 103 -26.15 6.06 -12.30
CA LEU A 103 -26.24 7.00 -11.16
C LEU A 103 -27.67 7.12 -10.66
N LYS A 104 -28.65 7.11 -11.57
CA LYS A 104 -30.02 7.18 -11.19
C LYS A 104 -30.47 5.90 -10.49
N ASN A 105 -30.04 4.74 -10.99
CA ASN A 105 -30.32 3.49 -10.29
C ASN A 105 -29.67 3.45 -8.88
N LEU A 106 -28.42 3.87 -8.80
CA LEU A 106 -27.68 3.92 -7.55
C LEU A 106 -28.18 5.01 -6.57
N GLN A 107 -28.81 6.07 -7.08
CA GLN A 107 -28.98 7.30 -6.29
C GLN A 107 -27.71 7.73 -5.59
N LEU A 108 -26.66 7.82 -6.41
CA LEU A 108 -25.41 8.49 -6.06
C LEU A 108 -25.16 9.63 -7.00
N ASP A 109 -24.42 10.63 -6.52
CA ASP A 109 -24.13 11.76 -7.37
C ASP A 109 -23.02 11.51 -8.39
N TYR A 110 -22.10 10.62 -8.06
CA TYR A 110 -20.95 10.34 -8.82
C TYR A 110 -20.49 8.89 -8.61
N VAL A 111 -19.80 8.35 -9.61
CA VAL A 111 -19.07 7.16 -9.34
C VAL A 111 -17.56 7.52 -9.15
N ASP A 112 -16.85 6.75 -8.33
CA ASP A 112 -15.43 6.93 -8.17
C ASP A 112 -14.65 6.49 -9.35
N LEU A 113 -15.14 5.42 -10.02
CA LEU A 113 -14.48 4.89 -11.17
C LEU A 113 -15.52 4.40 -12.16
N TYR A 114 -15.32 4.77 -13.43
CA TYR A 114 -16.16 4.29 -14.54
C TYR A 114 -15.25 3.60 -15.53
N LEU A 115 -15.59 2.35 -15.83
CA LEU A 115 -14.76 1.56 -16.70
C LEU A 115 -15.47 1.23 -18.02
N ILE A 116 -14.66 1.09 -19.06
CA ILE A 116 -15.20 0.43 -20.29
C ILE A 116 -15.16 -1.03 -19.94
N HIS A 117 -16.32 -1.68 -19.85
CA HIS A 117 -16.38 -3.06 -19.31
C HIS A 117 -15.68 -4.11 -20.19
N PHE A 118 -15.92 -4.07 -21.51
CA PHE A 118 -15.43 -5.05 -22.44
C PHE A 118 -15.28 -4.39 -23.81
N PRO A 119 -14.17 -4.65 -24.52
CA PRO A 119 -13.87 -3.93 -25.73
C PRO A 119 -14.68 -4.27 -26.98
N VAL A 120 -15.46 -5.34 -26.91
CA VAL A 120 -16.33 -5.65 -28.08
C VAL A 120 -17.63 -4.92 -27.97
N SER A 121 -18.04 -4.21 -28.99
CA SER A 121 -19.28 -3.44 -28.93
C SER A 121 -20.48 -4.27 -29.48
N VAL A 122 -21.67 -3.99 -28.95
CA VAL A 122 -22.89 -4.60 -29.43
C VAL A 122 -23.90 -3.51 -29.71
N LYS A 123 -24.89 -3.89 -30.49
CA LYS A 123 -25.91 -2.93 -30.93
C LYS A 123 -26.55 -2.14 -29.80
N PRO A 124 -26.73 -0.81 -30.00
CA PRO A 124 -27.48 -0.04 -29.01
C PRO A 124 -28.93 -0.44 -28.85
N GLY A 125 -29.39 -0.28 -27.64
CA GLY A 125 -30.74 -0.48 -27.22
C GLY A 125 -30.77 -1.01 -25.81
N GLU A 126 -31.96 -1.39 -25.42
CA GLU A 126 -32.19 -1.77 -24.08
C GLU A 126 -31.61 -3.15 -23.66
N GLU A 127 -31.42 -4.03 -24.63
CA GLU A 127 -30.97 -5.38 -24.33
C GLU A 127 -29.45 -5.35 -24.27
N VAL A 128 -28.91 -5.85 -23.19
CA VAL A 128 -27.46 -5.86 -22.99
C VAL A 128 -26.75 -6.88 -23.87
N ILE A 129 -27.43 -7.98 -24.19
CA ILE A 129 -26.93 -8.96 -25.17
C ILE A 129 -27.97 -9.09 -26.28
N PRO A 130 -27.95 -8.14 -27.21
CA PRO A 130 -28.98 -8.08 -28.27
C PRO A 130 -28.75 -9.19 -29.22
N LYS A 131 -29.81 -9.92 -29.54
CA LYS A 131 -29.73 -11.07 -30.48
C LYS A 131 -30.72 -10.83 -31.61
N ASP A 132 -30.41 -11.32 -32.82
CA ASP A 132 -31.39 -11.38 -33.86
C ASP A 132 -32.31 -12.57 -33.66
N GLU A 133 -33.23 -12.75 -34.61
CA GLU A 133 -34.26 -13.72 -34.46
C GLU A 133 -33.76 -15.15 -34.48
N ASN A 134 -32.56 -15.32 -35.03
CA ASN A 134 -31.84 -16.60 -35.05
C ASN A 134 -30.80 -16.76 -33.95
N GLY A 135 -30.88 -15.91 -32.91
CA GLY A 135 -30.00 -15.94 -31.78
C GLY A 135 -28.61 -15.42 -31.94
N LYS A 136 -28.29 -14.77 -33.05
CA LYS A 136 -26.93 -14.28 -33.25
C LYS A 136 -26.80 -13.00 -32.52
N ILE A 137 -25.71 -12.82 -31.81
CA ILE A 137 -25.43 -11.54 -31.19
C ILE A 137 -25.25 -10.48 -32.20
N LEU A 138 -25.87 -9.35 -31.96
CA LEU A 138 -25.74 -8.19 -32.86
C LEU A 138 -24.56 -7.27 -32.46
N PHE A 139 -23.45 -7.50 -33.13
CA PHE A 139 -22.24 -6.76 -32.93
C PHE A 139 -22.35 -5.43 -33.62
N ASP A 140 -21.64 -4.47 -33.07
CA ASP A 140 -21.58 -3.11 -33.55
C ASP A 140 -20.10 -2.76 -33.82
N THR A 141 -19.88 -1.79 -34.68
CA THR A 141 -18.55 -1.31 -34.97
C THR A 141 -18.40 0.09 -34.42
N VAL A 142 -17.55 0.25 -33.39
CA VAL A 142 -17.37 1.55 -32.74
C VAL A 142 -15.87 1.83 -32.50
N ASP A 143 -15.46 3.07 -32.64
CA ASP A 143 -14.07 3.45 -32.40
C ASP A 143 -13.94 3.69 -30.89
N LEU A 144 -13.24 2.80 -30.25
CA LEU A 144 -13.06 2.90 -28.77
C LEU A 144 -12.33 4.16 -28.36
N CYS A 145 -11.53 4.71 -29.25
CA CYS A 145 -10.97 6.05 -28.98
C CYS A 145 -12.01 7.12 -28.84
N ALA A 146 -13.10 7.04 -29.61
CA ALA A 146 -14.21 8.00 -29.42
C ALA A 146 -14.99 7.66 -28.16
N THR A 147 -15.18 6.37 -27.87
CA THR A 147 -15.78 5.97 -26.60
C THR A 147 -14.96 6.61 -25.44
N TRP A 148 -13.64 6.46 -25.54
CA TRP A 148 -12.77 7.03 -24.47
C TRP A 148 -12.90 8.55 -24.34
N GLU A 149 -12.97 9.29 -25.44
CA GLU A 149 -13.24 10.75 -25.34
C GLU A 149 -14.51 11.08 -24.57
N ALA A 150 -15.56 10.29 -24.81
CA ALA A 150 -16.85 10.45 -24.10
C ALA A 150 -16.66 10.14 -22.57
N MET A 151 -15.78 9.22 -22.25
CA MET A 151 -15.46 8.90 -20.85
C MET A 151 -14.75 10.06 -20.18
N GLU A 152 -13.75 10.57 -20.88
CA GLU A 152 -13.05 11.75 -20.42
C GLU A 152 -13.99 12.92 -20.18
N LYS A 153 -15.00 13.15 -21.02
CA LYS A 153 -16.00 14.18 -20.71
C LYS A 153 -16.83 13.87 -19.49
N CYS A 154 -17.09 12.60 -19.22
CA CYS A 154 -17.83 12.25 -17.99
C CYS A 154 -17.00 12.62 -16.77
N LYS A 155 -15.70 12.42 -16.83
CA LYS A 155 -14.76 12.83 -15.78
C LYS A 155 -14.82 14.36 -15.64
N ASP A 156 -14.68 15.09 -16.74
CA ASP A 156 -14.81 16.56 -16.64
C ASP A 156 -16.15 17.05 -16.11
N ALA A 157 -17.21 16.25 -16.27
CA ALA A 157 -18.55 16.62 -15.82
C ALA A 157 -18.63 16.41 -14.29
N GLY A 158 -17.61 15.76 -13.72
CA GLY A 158 -17.64 15.30 -12.33
C GLY A 158 -18.40 14.02 -12.05
N LEU A 159 -19.00 13.43 -13.09
CA LEU A 159 -19.85 12.23 -12.87
C LEU A 159 -19.05 10.97 -12.51
N ALA A 160 -17.80 10.91 -12.95
CA ALA A 160 -16.85 9.82 -12.67
C ALA A 160 -15.58 10.48 -12.13
N LYS A 161 -15.15 10.16 -10.91
CA LYS A 161 -13.98 10.80 -10.42
C LYS A 161 -12.77 10.35 -11.21
N SER A 162 -12.76 9.05 -11.57
CA SER A 162 -11.71 8.47 -12.38
C SER A 162 -12.32 7.52 -13.42
N ILE A 163 -11.61 7.32 -14.50
CA ILE A 163 -12.05 6.46 -15.62
C ILE A 163 -10.95 5.45 -15.93
N GLY A 164 -11.32 4.24 -16.32
CA GLY A 164 -10.39 3.21 -16.69
C GLY A 164 -11.01 2.21 -17.64
N VAL A 165 -10.33 1.09 -17.81
CA VAL A 165 -10.80 0.00 -18.67
C VAL A 165 -10.79 -1.37 -18.00
N SER A 166 -11.41 -2.33 -18.70
CA SER A 166 -11.44 -3.66 -18.24
C SER A 166 -11.39 -4.61 -19.44
N ASN A 167 -10.72 -5.74 -19.25
CA ASN A 167 -10.58 -6.74 -20.24
C ASN A 167 -9.93 -6.19 -21.49
N PHE A 168 -9.08 -5.16 -21.30
CA PHE A 168 -8.15 -4.79 -22.36
C PHE A 168 -6.85 -5.60 -22.32
N ASN A 169 -6.39 -5.87 -23.55
CA ASN A 169 -5.05 -6.37 -23.81
C ASN A 169 -4.08 -5.22 -24.15
N HIS A 170 -2.81 -5.60 -24.36
CA HIS A 170 -1.74 -4.70 -24.70
C HIS A 170 -2.12 -3.81 -25.86
N ARG A 171 -2.63 -4.42 -26.92
CA ARG A 171 -2.94 -3.67 -28.14
C ARG A 171 -3.98 -2.60 -27.85
N LEU A 172 -5.04 -2.98 -27.15
CA LEU A 172 -6.13 -2.06 -26.90
C LEU A 172 -5.69 -0.94 -25.93
N LEU A 173 -4.89 -1.28 -24.92
CA LEU A 173 -4.37 -0.21 -24.04
C LEU A 173 -3.50 0.74 -24.84
N GLU A 174 -2.59 0.18 -25.63
CA GLU A 174 -1.74 1.06 -26.47
C GLU A 174 -2.57 1.97 -27.38
N MET A 175 -3.63 1.41 -27.94
CA MET A 175 -4.59 2.15 -28.72
C MET A 175 -5.08 3.39 -27.99
N ILE A 176 -5.45 3.26 -26.73
CA ILE A 176 -5.87 4.41 -25.96
C ILE A 176 -4.70 5.31 -25.58
N LEU A 177 -3.62 4.72 -25.06
CA LEU A 177 -2.47 5.52 -24.59
C LEU A 177 -1.85 6.37 -25.74
N ASN A 178 -1.85 5.79 -26.95
CA ASN A 178 -1.27 6.42 -28.15
C ASN A 178 -2.24 7.29 -28.92
N LYS A 179 -3.41 7.54 -28.34
CA LYS A 179 -4.45 8.33 -28.96
C LYS A 179 -4.09 9.82 -29.02
N PRO A 180 -4.09 10.40 -30.24
CA PRO A 180 -3.88 11.85 -30.35
C PRO A 180 -4.87 12.63 -29.52
N GLY A 181 -4.39 13.62 -28.77
CA GLY A 181 -5.25 14.47 -28.01
C GLY A 181 -5.70 13.82 -26.68
N LEU A 182 -5.06 12.71 -26.31
CA LEU A 182 -5.37 11.96 -25.08
C LEU A 182 -5.28 12.90 -23.96
N LYS A 183 -6.35 12.98 -23.16
CA LYS A 183 -6.42 13.87 -22.02
C LYS A 183 -6.16 13.12 -20.67
N TYR A 184 -6.87 12.01 -20.45
CA TYR A 184 -6.74 11.21 -19.20
C TYR A 184 -6.39 9.79 -19.57
N LYS A 185 -5.24 9.25 -19.14
CA LYS A 185 -4.92 7.85 -19.28
C LYS A 185 -5.95 7.03 -18.49
N PRO A 186 -6.14 5.75 -18.84
CA PRO A 186 -6.93 4.92 -17.92
C PRO A 186 -6.19 4.77 -16.59
N VAL A 187 -6.93 4.83 -15.48
CA VAL A 187 -6.28 4.62 -14.13
C VAL A 187 -5.98 3.17 -13.89
N CYS A 188 -6.70 2.28 -14.58
CA CYS A 188 -6.60 0.87 -14.32
C CYS A 188 -7.02 0.05 -15.53
N ASN A 189 -6.67 -1.22 -15.45
CA ASN A 189 -7.18 -2.28 -16.30
C ASN A 189 -7.60 -3.43 -15.43
N GLN A 190 -8.91 -3.57 -15.30
CA GLN A 190 -9.46 -4.66 -14.52
C GLN A 190 -9.56 -5.90 -15.35
N VAL A 191 -8.86 -6.91 -14.93
CA VAL A 191 -8.77 -8.15 -15.69
C VAL A 191 -8.71 -9.35 -14.73
N GLU A 192 -8.97 -10.52 -15.25
CA GLU A 192 -8.82 -11.79 -14.52
C GLU A 192 -7.36 -11.96 -14.06
N CYS A 193 -7.17 -12.28 -12.80
CA CYS A 193 -5.78 -12.50 -12.28
C CYS A 193 -5.84 -13.28 -11.02
N HIS A 194 -5.10 -14.38 -10.99
CA HIS A 194 -5.03 -15.30 -9.83
C HIS A 194 -3.82 -16.21 -10.06
N PRO A 195 -3.44 -17.05 -9.06
CA PRO A 195 -2.21 -17.87 -9.14
C PRO A 195 -2.10 -18.85 -10.33
N TYR A 196 -3.24 -19.19 -10.94
CA TYR A 196 -3.20 -20.03 -12.16
C TYR A 196 -3.14 -19.21 -13.47
N PHE A 197 -3.21 -17.89 -13.36
CA PHE A 197 -3.19 -16.94 -14.44
C PHE A 197 -2.72 -15.60 -13.92
N ASN A 198 -1.42 -15.50 -13.62
CA ASN A 198 -0.92 -14.41 -12.81
C ASN A 198 -0.63 -13.15 -13.60
N GLN A 199 -0.83 -13.21 -14.93
CA GLN A 199 -0.73 -11.97 -15.77
C GLN A 199 0.55 -11.13 -15.64
N ARG A 200 1.67 -11.79 -15.33
CA ARG A 200 2.96 -11.06 -15.12
C ARG A 200 3.26 -10.09 -16.23
N LYS A 201 3.14 -10.58 -17.48
CA LYS A 201 3.44 -9.76 -18.64
C LYS A 201 2.61 -8.53 -18.71
N LEU A 202 1.28 -8.69 -18.61
CA LEU A 202 0.40 -7.55 -18.69
C LEU A 202 0.60 -6.64 -17.45
N LEU A 203 0.81 -7.27 -16.29
CA LEU A 203 1.04 -6.50 -15.04
C LEU A 203 2.26 -5.57 -15.20
N ASP A 204 3.38 -6.12 -15.61
CA ASP A 204 4.55 -5.26 -15.87
C ASP A 204 4.28 -4.19 -16.88
N PHE A 205 3.55 -4.52 -17.94
CA PHE A 205 3.21 -3.50 -18.88
C PHE A 205 2.46 -2.37 -18.22
N CYS A 206 1.38 -2.69 -17.51
CA CYS A 206 0.60 -1.68 -16.80
C CYS A 206 1.44 -0.81 -15.82
N LYS A 207 2.32 -1.47 -15.06
CA LYS A 207 3.15 -0.76 -14.07
C LYS A 207 3.98 0.27 -14.85
N SER A 208 4.51 -0.15 -16.00
CA SER A 208 5.41 0.70 -16.82
C SER A 208 4.73 1.97 -17.28
N LYS A 209 3.38 1.94 -17.27
CA LYS A 209 2.54 3.03 -17.70
C LYS A 209 1.80 3.62 -16.53
N ASP A 210 2.14 3.16 -15.32
CA ASP A 210 1.45 3.54 -14.06
C ASP A 210 -0.06 3.30 -14.17
N ILE A 211 -0.42 2.17 -14.73
CA ILE A 211 -1.80 1.78 -14.74
C ILE A 211 -1.87 0.73 -13.72
N VAL A 212 -2.88 0.82 -12.86
CA VAL A 212 -3.07 -0.21 -11.85
C VAL A 212 -3.82 -1.39 -12.45
N LEU A 213 -3.30 -2.60 -12.26
CA LEU A 213 -4.06 -3.84 -12.55
C LEU A 213 -5.00 -4.20 -11.41
N VAL A 214 -6.28 -4.32 -11.73
CA VAL A 214 -7.28 -4.69 -10.75
C VAL A 214 -7.68 -6.14 -11.08
N ALA A 215 -7.50 -7.04 -10.12
CA ALA A 215 -7.69 -8.46 -10.31
C ALA A 215 -9.12 -8.86 -10.03
N TYR A 216 -9.75 -9.46 -11.05
CA TYR A 216 -10.98 -10.14 -10.82
C TYR A 216 -10.86 -11.66 -10.91
N SER A 217 -11.84 -12.37 -10.34
CA SER A 217 -11.76 -13.83 -10.20
C SER A 217 -10.46 -14.23 -9.51
N ALA A 218 -10.08 -13.41 -8.51
CA ALA A 218 -8.82 -13.61 -7.76
C ALA A 218 -8.92 -14.87 -6.94
N LEU A 219 -10.16 -15.31 -6.63
CA LEU A 219 -10.35 -16.58 -5.93
C LEU A 219 -10.76 -17.74 -6.81
N GLY A 220 -10.57 -17.61 -8.10
CA GLY A 220 -10.83 -18.66 -9.05
C GLY A 220 -12.23 -18.63 -9.65
N SER A 221 -12.99 -17.55 -9.38
CA SER A 221 -14.26 -17.20 -10.04
C SER A 221 -15.49 -17.86 -9.41
N HIS A 222 -16.64 -17.24 -9.71
CA HIS A 222 -17.98 -17.76 -9.38
C HIS A 222 -18.21 -19.18 -9.93
N ARG A 223 -17.40 -19.54 -10.95
CA ARG A 223 -17.49 -20.83 -11.64
C ARG A 223 -18.90 -21.09 -12.22
N GLU A 224 -19.62 -20.02 -12.59
CA GLU A 224 -21.01 -20.13 -13.06
C GLU A 224 -21.05 -20.61 -14.52
N GLU A 225 -21.86 -21.65 -14.79
CA GLU A 225 -22.16 -22.10 -16.17
C GLU A 225 -23.26 -21.17 -16.70
N PRO A 226 -23.10 -20.63 -17.94
CA PRO A 226 -22.09 -21.04 -18.93
C PRO A 226 -20.87 -20.07 -19.11
N TRP A 227 -20.82 -18.95 -18.36
CA TRP A 227 -19.62 -18.08 -18.30
C TRP A 227 -18.27 -18.85 -18.14
N VAL A 228 -18.28 -19.92 -17.33
CA VAL A 228 -17.05 -20.64 -16.94
C VAL A 228 -17.21 -22.16 -17.09
N ASP A 229 -16.17 -22.81 -17.61
CA ASP A 229 -16.13 -24.27 -17.86
C ASP A 229 -16.10 -25.04 -16.54
N PRO A 230 -17.12 -25.93 -16.29
CA PRO A 230 -17.10 -26.66 -15.01
C PRO A 230 -15.95 -27.68 -14.87
N ASN A 231 -15.27 -28.04 -15.97
CA ASN A 231 -14.13 -28.96 -15.88
C ASN A 231 -12.80 -28.31 -15.47
N SER A 232 -12.71 -26.97 -15.54
CA SER A 232 -11.48 -26.24 -15.19
C SER A 232 -11.10 -26.53 -13.71
N PRO A 233 -9.78 -26.49 -13.38
CA PRO A 233 -9.30 -26.76 -11.98
C PRO A 233 -9.83 -25.74 -10.92
N VAL A 234 -10.20 -26.22 -9.74
CA VAL A 234 -10.63 -25.36 -8.62
C VAL A 234 -9.40 -24.65 -7.97
N LEU A 235 -9.29 -23.33 -8.15
CA LEU A 235 -8.10 -22.64 -7.62
C LEU A 235 -7.89 -22.89 -6.12
N LEU A 236 -8.95 -22.78 -5.34
CA LEU A 236 -8.77 -22.81 -3.87
C LEU A 236 -8.45 -24.18 -3.35
N GLU A 237 -8.57 -25.20 -4.20
CA GLU A 237 -8.27 -26.57 -3.77
C GLU A 237 -6.80 -26.88 -3.98
N ASP A 238 -6.04 -25.91 -4.49
CA ASP A 238 -4.63 -26.10 -4.81
C ASP A 238 -3.82 -26.48 -3.59
N PRO A 239 -2.97 -27.51 -3.72
CA PRO A 239 -2.17 -27.99 -2.55
C PRO A 239 -1.19 -26.98 -1.97
N VAL A 240 -0.51 -26.24 -2.82
CA VAL A 240 0.43 -25.22 -2.34
C VAL A 240 -0.30 -24.08 -1.57
N LEU A 241 -1.42 -23.62 -2.09
CA LEU A 241 -2.22 -22.58 -1.42
C LEU A 241 -2.79 -23.10 -0.07
N CYS A 242 -3.29 -24.34 -0.08
CA CYS A 242 -3.76 -24.99 1.15
C CYS A 242 -2.60 -25.21 2.10
N ALA A 243 -1.46 -25.66 1.60
CA ALA A 243 -0.25 -25.80 2.46
C ALA A 243 0.09 -24.49 3.16
N LEU A 244 0.25 -23.44 2.37
CA LEU A 244 0.47 -22.10 2.86
C LEU A 244 -0.61 -21.62 3.84
N ALA A 245 -1.87 -21.83 3.51
CA ALA A 245 -2.96 -21.44 4.40
C ALA A 245 -2.79 -22.14 5.75
N LYS A 246 -2.63 -23.45 5.68
CA LYS A 246 -2.52 -24.25 6.89
C LYS A 246 -1.36 -23.74 7.76
N LYS A 247 -0.24 -23.42 7.13
CA LYS A 247 0.95 -22.86 7.76
C LYS A 247 0.73 -21.52 8.49
N HIS A 248 -0.07 -20.64 7.88
CA HIS A 248 -0.30 -19.31 8.41
C HIS A 248 -1.54 -19.23 9.24
N LYS A 249 -2.24 -20.35 9.38
CA LYS A 249 -3.50 -20.44 10.13
C LYS A 249 -4.49 -19.47 9.47
N ARG A 250 -4.44 -19.45 8.14
CA ARG A 250 -5.38 -18.66 7.33
C ARG A 250 -6.18 -19.61 6.38
N THR A 251 -6.57 -19.12 5.22
CA THR A 251 -7.31 -19.90 4.27
C THR A 251 -6.70 -19.78 2.90
N PRO A 252 -6.94 -20.74 2.03
CA PRO A 252 -6.39 -20.58 0.66
C PRO A 252 -6.83 -19.28 -0.03
N ALA A 253 -8.09 -18.87 0.17
CA ALA A 253 -8.55 -17.56 -0.30
C ALA A 253 -7.67 -16.41 0.20
N LEU A 254 -7.35 -16.41 1.47
CA LEU A 254 -6.54 -15.30 2.02
C LEU A 254 -5.16 -15.27 1.40
N ILE A 255 -4.61 -16.43 1.14
CA ILE A 255 -3.29 -16.49 0.53
C ILE A 255 -3.33 -15.90 -0.91
N ALA A 256 -4.34 -16.30 -1.69
CA ALA A 256 -4.53 -15.77 -3.00
C ALA A 256 -4.73 -14.26 -3.08
N LEU A 257 -5.48 -13.70 -2.12
CA LEU A 257 -5.66 -12.26 -2.10
C LEU A 257 -4.37 -11.57 -1.68
N ARG A 258 -3.67 -12.12 -0.69
CA ARG A 258 -2.40 -11.48 -0.19
C ARG A 258 -1.33 -11.43 -1.26
N TYR A 259 -1.32 -12.49 -2.07
CA TYR A 259 -0.36 -12.62 -3.18
C TYR A 259 -0.53 -11.42 -4.10
N GLN A 260 -1.80 -11.08 -4.42
CA GLN A 260 -2.02 -9.93 -5.25
C GLN A 260 -1.59 -8.65 -4.62
N LEU A 261 -1.95 -8.45 -3.36
CA LEU A 261 -1.61 -7.20 -2.77
C LEU A 261 -0.11 -6.99 -2.74
N GLN A 262 0.65 -8.04 -2.44
CA GLN A 262 2.14 -7.84 -2.37
C GLN A 262 2.80 -7.60 -3.72
N ARG A 263 2.14 -7.99 -4.81
CA ARG A 263 2.73 -7.74 -6.09
C ARG A 263 2.27 -6.45 -6.77
N GLY A 264 1.48 -5.64 -6.07
CA GLY A 264 1.11 -4.27 -6.40
C GLY A 264 -0.21 -4.25 -7.18
N VAL A 265 -0.90 -5.39 -7.18
CA VAL A 265 -2.25 -5.51 -7.77
C VAL A 265 -3.34 -5.11 -6.72
N VAL A 266 -4.38 -4.38 -7.14
CA VAL A 266 -5.59 -4.14 -6.39
C VAL A 266 -6.49 -5.34 -6.66
N VAL A 267 -7.00 -5.92 -5.58
CA VAL A 267 -7.66 -7.24 -5.64
C VAL A 267 -9.12 -7.14 -5.23
N LEU A 268 -10.01 -7.73 -6.06
CA LEU A 268 -11.37 -7.89 -5.72
C LEU A 268 -11.64 -9.25 -5.12
N ALA A 269 -12.71 -9.31 -4.31
CA ALA A 269 -13.15 -10.54 -3.74
C ALA A 269 -14.65 -10.41 -3.57
N LYS A 270 -15.39 -11.31 -4.23
CA LYS A 270 -16.83 -11.41 -4.05
C LYS A 270 -17.15 -12.46 -2.99
N SER A 271 -18.04 -12.15 -2.07
CA SER A 271 -18.66 -13.15 -1.26
C SER A 271 -19.99 -12.58 -0.76
N TYR A 272 -21.01 -13.45 -0.69
CA TYR A 272 -22.30 -13.06 -0.13
C TYR A 272 -22.53 -13.78 1.20
N ASN A 273 -21.47 -14.38 1.71
CA ASN A 273 -21.50 -15.08 2.98
C ASN A 273 -20.91 -14.21 4.11
N GLU A 274 -21.67 -13.94 5.17
CA GLU A 274 -21.18 -13.09 6.26
C GLU A 274 -19.79 -13.47 6.82
N GLN A 275 -19.55 -14.76 6.99
CA GLN A 275 -18.30 -15.18 7.61
C GLN A 275 -17.12 -14.97 6.61
N ARG A 276 -17.33 -15.27 5.34
CA ARG A 276 -16.26 -15.11 4.36
C ARG A 276 -15.97 -13.64 4.00
N ILE A 277 -17.00 -12.80 4.04
CA ILE A 277 -16.86 -11.35 3.92
C ILE A 277 -15.87 -10.88 5.02
N ARG A 278 -16.10 -11.28 6.25
CA ARG A 278 -15.20 -10.84 7.36
C ARG A 278 -13.83 -11.44 7.26
N GLN A 279 -13.77 -12.66 6.80
CA GLN A 279 -12.51 -13.34 6.65
C GLN A 279 -11.64 -12.64 5.63
N ASN A 280 -12.22 -12.22 4.53
CA ASN A 280 -11.43 -11.64 3.43
C ASN A 280 -10.67 -10.33 3.80
N VAL A 281 -11.25 -9.50 4.66
N VAL A 281 -11.24 -9.50 4.66
CA VAL A 281 -10.56 -8.30 5.11
CA VAL A 281 -10.54 -8.30 5.05
C VAL A 281 -9.33 -8.63 5.96
C VAL A 281 -9.33 -8.62 5.96
N GLN A 282 -9.16 -9.89 6.36
CA GLN A 282 -7.97 -10.32 7.15
C GLN A 282 -6.68 -10.35 6.31
N VAL A 283 -6.82 -10.13 5.02
CA VAL A 283 -5.66 -10.00 4.14
C VAL A 283 -4.66 -8.96 4.62
N PHE A 284 -5.10 -8.00 5.41
CA PHE A 284 -4.20 -6.99 5.91
C PHE A 284 -3.53 -7.39 7.23
N GLU A 285 -3.78 -8.59 7.73
CA GLU A 285 -3.23 -9.02 9.01
C GLU A 285 -2.02 -9.91 8.98
N PHE A 286 -1.58 -10.29 7.82
CA PHE A 286 -0.38 -11.15 7.70
C PHE A 286 0.33 -10.77 6.42
N GLN A 287 1.50 -11.32 6.22
CA GLN A 287 2.37 -11.00 5.11
C GLN A 287 3.01 -12.32 4.69
N LEU A 288 3.39 -12.41 3.43
CA LEU A 288 4.02 -13.55 2.86
C LEU A 288 5.52 -13.24 2.56
N THR A 289 6.39 -14.21 2.81
CA THR A 289 7.84 -14.06 2.56
C THR A 289 8.14 -14.08 1.07
N SER A 290 9.34 -13.65 0.67
CA SER A 290 9.79 -13.84 -0.72
C SER A 290 9.68 -15.29 -1.22
N GLU A 291 10.11 -16.25 -0.42
CA GLU A 291 9.98 -17.66 -0.79
C GLU A 291 8.50 -18.15 -1.00
N GLU A 292 7.58 -17.68 -0.14
CA GLU A 292 6.17 -17.96 -0.36
C GLU A 292 5.59 -17.35 -1.66
N MET A 293 5.93 -16.10 -1.90
CA MET A 293 5.58 -15.39 -3.11
C MET A 293 6.08 -16.12 -4.32
N LYS A 294 7.36 -16.53 -4.32
CA LYS A 294 7.87 -17.32 -5.47
C LYS A 294 7.14 -18.66 -5.66
N ALA A 295 6.79 -19.32 -4.56
CA ALA A 295 6.03 -20.56 -4.64
C ALA A 295 4.68 -20.34 -5.35
N ILE A 296 4.05 -19.21 -5.03
CA ILE A 296 2.74 -18.89 -5.61
C ILE A 296 2.91 -18.56 -7.12
N ASP A 297 3.95 -17.80 -7.47
CA ASP A 297 4.36 -17.60 -8.88
C ASP A 297 4.45 -18.91 -9.65
N GLY A 298 4.97 -19.97 -9.05
CA GLY A 298 5.10 -21.27 -9.75
C GLY A 298 3.80 -22.01 -10.00
N LEU A 299 2.67 -21.44 -9.55
CA LEU A 299 1.39 -22.09 -9.77
C LEU A 299 0.90 -21.77 -11.17
N ASN A 300 1.48 -20.73 -11.78
CA ASN A 300 0.96 -20.17 -13.02
C ASN A 300 0.85 -21.25 -14.10
N ARG A 301 -0.30 -21.29 -14.76
CA ARG A 301 -0.47 -22.35 -15.76
C ARG A 301 -1.44 -21.90 -16.81
N ASN A 302 -1.49 -20.61 -17.07
CA ASN A 302 -2.22 -20.16 -18.22
C ASN A 302 -3.72 -20.63 -18.26
N VAL A 303 -4.37 -20.69 -17.09
CA VAL A 303 -5.79 -21.05 -16.98
C VAL A 303 -6.66 -19.81 -16.90
N ARG A 304 -7.36 -19.49 -17.99
CA ARG A 304 -8.29 -18.36 -17.99
C ARG A 304 -9.67 -18.89 -17.81
N TYR A 305 -10.30 -18.53 -16.72
CA TYR A 305 -11.64 -18.96 -16.38
C TYR A 305 -12.74 -18.28 -17.20
N LEU A 306 -12.54 -16.98 -17.46
CA LEU A 306 -13.55 -16.10 -18.08
C LEU A 306 -13.13 -15.71 -19.48
N THR A 307 -13.59 -16.47 -20.49
CA THR A 307 -13.28 -16.19 -21.87
C THR A 307 -14.29 -15.20 -22.49
N LEU A 308 -15.53 -15.16 -21.98
CA LEU A 308 -16.59 -14.31 -22.54
C LEU A 308 -16.67 -14.63 -24.02
N ASP A 309 -16.59 -15.90 -24.35
CA ASP A 309 -16.40 -16.21 -25.78
C ASP A 309 -17.65 -16.06 -26.62
N ILE A 310 -18.79 -15.78 -25.99
CA ILE A 310 -19.94 -15.44 -26.79
C ILE A 310 -19.65 -14.15 -27.59
N PHE A 311 -18.67 -13.37 -27.14
CA PHE A 311 -18.27 -12.15 -27.84
C PHE A 311 -17.01 -12.29 -28.68
N ALA A 312 -16.61 -13.55 -28.94
CA ALA A 312 -15.47 -13.87 -29.82
C ALA A 312 -15.90 -13.65 -31.27
N GLY A 313 -14.95 -13.28 -32.10
CA GLY A 313 -15.24 -13.02 -33.53
C GLY A 313 -14.82 -11.68 -34.02
N PRO A 314 -15.42 -10.59 -33.49
CA PRO A 314 -15.00 -9.25 -33.88
C PRO A 314 -13.51 -8.99 -33.55
N PRO A 315 -12.90 -8.03 -34.26
CA PRO A 315 -11.48 -7.79 -34.10
C PRO A 315 -11.03 -7.43 -32.66
N ASN A 316 -11.88 -6.73 -31.94
CA ASN A 316 -11.55 -6.21 -30.59
C ASN A 316 -11.70 -7.23 -29.47
N TYR A 317 -12.12 -8.46 -29.79
CA TYR A 317 -12.13 -9.53 -28.81
C TYR A 317 -10.69 -9.67 -28.26
N PRO A 318 -10.54 -9.58 -26.92
CA PRO A 318 -9.22 -9.29 -26.39
C PRO A 318 -8.32 -10.51 -26.12
N PHE A 319 -8.88 -11.71 -26.16
CA PHE A 319 -8.17 -12.88 -25.78
C PHE A 319 -7.92 -13.76 -27.00
N LYS B 4 -6.34 11.83 1.30
CA LYS B 4 -5.91 10.42 1.29
C LYS B 4 -4.44 10.23 0.96
N TYR B 5 -3.85 9.13 1.39
CA TYR B 5 -2.43 8.85 1.22
C TYR B 5 -2.12 7.36 1.59
N GLN B 6 -1.07 6.79 1.00
CA GLN B 6 -0.73 5.38 1.17
C GLN B 6 -0.20 5.08 2.55
N CYS B 7 -0.91 4.16 3.23
CA CYS B 7 -0.58 3.67 4.56
C CYS B 7 -0.57 2.11 4.59
N VAL B 8 0.15 1.54 5.54
CA VAL B 8 0.14 0.13 5.82
C VAL B 8 -0.48 -0.14 7.20
N LYS B 9 -1.29 -1.21 7.29
CA LYS B 9 -1.86 -1.62 8.58
C LYS B 9 -0.76 -2.30 9.44
N LEU B 10 -0.53 -1.71 10.62
CA LEU B 10 0.35 -2.31 11.62
C LEU B 10 -0.34 -3.42 12.39
N ASN B 11 0.49 -4.20 13.06
CA ASN B 11 -0.05 -5.33 13.80
C ASN B 11 -0.87 -5.04 15.11
N ASP B 12 -0.95 -3.77 15.50
CA ASP B 12 -1.78 -3.31 16.59
C ASP B 12 -3.01 -2.62 16.07
N GLY B 13 -3.25 -2.69 14.78
CA GLY B 13 -4.45 -2.06 14.18
C GLY B 13 -4.26 -0.62 13.68
N HIS B 14 -3.22 0.09 14.14
CA HIS B 14 -2.90 1.45 13.64
C HIS B 14 -2.34 1.46 12.26
N PHE B 15 -2.34 2.61 11.60
CA PHE B 15 -1.82 2.70 10.29
C PHE B 15 -0.65 3.60 10.14
N MET B 16 0.33 3.18 9.37
CA MET B 16 1.57 3.93 9.23
C MET B 16 1.64 4.38 7.76
N PRO B 17 1.77 5.68 7.53
CA PRO B 17 2.09 6.15 6.16
C PRO B 17 3.41 5.57 5.66
N VAL B 18 3.39 5.11 4.41
CA VAL B 18 4.46 4.28 3.90
C VAL B 18 5.70 5.08 3.46
N LEU B 19 5.61 6.38 3.41
CA LEU B 19 6.81 7.26 3.18
C LEU B 19 6.89 8.21 4.35
N GLY B 20 8.06 8.22 4.93
CA GLY B 20 8.32 9.05 6.11
C GLY B 20 9.45 10.01 5.86
N PHE B 21 9.38 11.15 6.53
CA PHE B 21 10.36 12.25 6.46
C PHE B 21 11.38 12.12 7.60
N GLY B 22 12.64 11.89 7.24
CA GLY B 22 13.79 11.89 8.17
C GLY B 22 14.12 13.31 8.62
N THR B 23 14.36 13.47 9.91
CA THR B 23 14.55 14.83 10.43
C THR B 23 15.95 15.05 10.98
N TYR B 24 16.79 14.04 11.02
CA TYR B 24 18.13 14.23 11.61
C TYR B 24 19.04 15.07 10.71
N ALA B 25 19.84 15.90 11.33
CA ALA B 25 20.93 16.57 10.62
C ALA B 25 22.12 16.64 11.53
N PRO B 26 23.35 16.54 10.95
CA PRO B 26 24.56 16.73 11.75
C PRO B 26 24.46 17.99 12.63
N ALA B 27 25.13 17.95 13.78
CA ALA B 27 25.02 19.01 14.80
C ALA B 27 25.49 20.38 14.30
N GLU B 28 26.33 20.37 13.25
CA GLU B 28 26.80 21.61 12.63
C GLU B 28 25.73 22.32 11.77
N VAL B 29 24.74 21.57 11.27
CA VAL B 29 23.56 22.20 10.66
C VAL B 29 22.72 22.84 11.77
N PRO B 30 22.36 24.13 11.63
CA PRO B 30 21.53 24.68 12.72
C PRO B 30 20.12 24.10 12.68
N LYS B 31 19.42 24.19 13.82
CA LYS B 31 18.20 23.44 14.06
C LYS B 31 16.98 24.09 13.34
N SER B 32 17.19 25.31 12.87
CA SER B 32 16.29 26.01 11.97
C SER B 32 16.06 25.25 10.73
N LYS B 33 17.10 24.60 10.21
CA LYS B 33 16.97 23.88 8.94
C LYS B 33 15.98 22.66 9.12
N ALA B 34 15.89 22.14 10.35
CA ALA B 34 14.96 21.05 10.68
C ALA B 34 13.50 21.53 10.70
N LEU B 35 13.24 22.60 11.43
CA LEU B 35 11.91 23.18 11.53
C LEU B 35 11.29 23.55 10.18
N GLU B 36 12.16 24.01 9.27
CA GLU B 36 11.66 24.47 7.98
C GLU B 36 11.50 23.29 7.06
N ALA B 37 12.43 22.34 7.12
CA ALA B 37 12.31 21.14 6.34
C ALA B 37 10.95 20.45 6.72
N VAL B 38 10.62 20.35 8.01
CA VAL B 38 9.38 19.65 8.45
C VAL B 38 8.06 20.37 8.01
N LYS B 39 7.99 21.67 8.20
CA LYS B 39 6.88 22.47 7.70
C LYS B 39 6.63 22.26 6.20
N LEU B 40 7.71 22.15 5.45
CA LEU B 40 7.68 21.92 4.01
C LEU B 40 7.40 20.46 3.63
N ALA B 41 8.04 19.52 4.34
CA ALA B 41 7.79 18.07 4.14
C ALA B 41 6.27 17.80 4.16
N ILE B 42 5.61 18.46 5.09
CA ILE B 42 4.18 18.33 5.30
C ILE B 42 3.43 18.99 4.16
N GLU B 43 3.73 20.28 3.89
CA GLU B 43 3.13 21.00 2.75
C GLU B 43 3.22 20.17 1.50
N ALA B 44 4.34 19.51 1.32
CA ALA B 44 4.56 18.61 0.16
C ALA B 44 3.73 17.29 0.13
N GLY B 45 3.16 16.93 1.27
CA GLY B 45 2.41 15.68 1.41
C GLY B 45 3.03 14.55 2.21
N PHE B 46 4.14 14.80 2.91
CA PHE B 46 4.59 13.76 3.86
C PHE B 46 3.61 13.77 5.01
N HIS B 47 3.23 12.56 5.42
CA HIS B 47 2.30 12.36 6.56
C HIS B 47 2.93 11.63 7.72
N HIS B 48 4.17 11.22 7.58
CA HIS B 48 4.91 10.41 8.59
C HIS B 48 6.20 11.23 8.83
N ILE B 49 6.61 11.45 10.08
CA ILE B 49 7.80 12.29 10.39
C ILE B 49 8.54 11.52 11.45
N ASP B 50 9.81 11.32 11.24
CA ASP B 50 10.63 10.49 12.13
C ASP B 50 11.68 11.32 12.86
N SER B 51 11.69 11.21 14.17
CA SER B 51 12.73 11.81 14.96
C SER B 51 13.12 10.95 16.10
N ALA B 52 13.83 11.57 17.05
CA ALA B 52 14.37 10.86 18.20
C ALA B 52 14.85 11.85 19.25
N HIS B 53 14.92 11.46 20.52
CA HIS B 53 15.48 12.34 21.54
C HIS B 53 16.92 12.84 21.16
N VAL B 54 17.73 11.92 20.68
CA VAL B 54 19.20 12.12 20.40
C VAL B 54 19.45 13.01 19.19
N TYR B 55 18.41 13.21 18.37
CA TYR B 55 18.56 14.15 17.24
C TYR B 55 18.58 15.63 17.72
N ASN B 56 18.25 15.86 18.99
CA ASN B 56 18.17 17.22 19.54
C ASN B 56 17.40 18.23 18.67
N ASN B 57 16.22 17.81 18.23
CA ASN B 57 15.40 18.61 17.28
C ASN B 57 13.92 18.61 17.62
N GLU B 58 13.54 17.94 18.71
CA GLU B 58 12.11 17.75 18.99
C GLU B 58 11.36 19.03 19.27
N GLU B 59 12.02 20.01 19.88
CA GLU B 59 11.41 21.30 20.03
C GLU B 59 11.01 21.87 18.64
N GLN B 60 11.91 21.79 17.69
CA GLN B 60 11.75 22.38 16.34
C GLN B 60 10.72 21.51 15.53
N VAL B 61 10.84 20.21 15.68
CA VAL B 61 10.02 19.29 14.87
C VAL B 61 8.57 19.46 15.34
N GLY B 62 8.40 19.55 16.66
CA GLY B 62 7.12 19.77 17.27
C GLY B 62 6.48 21.07 16.85
N LEU B 63 7.23 22.16 16.93
CA LEU B 63 6.68 23.47 16.54
C LEU B 63 6.18 23.44 15.06
N ALA B 64 6.96 22.83 14.16
CA ALA B 64 6.57 22.69 12.74
C ALA B 64 5.21 22.05 12.68
N ILE B 65 5.16 20.82 13.19
CA ILE B 65 3.92 20.08 13.19
C ILE B 65 2.77 20.93 13.71
N ARG B 66 2.93 21.55 14.88
CA ARG B 66 1.85 22.28 15.58
C ARG B 66 1.31 23.55 14.88
N SER B 67 2.11 24.00 13.90
CA SER B 67 1.79 25.08 12.95
C SER B 67 1.62 24.66 11.45
N LYS B 68 2.09 23.49 11.02
CA LYS B 68 1.54 22.94 9.78
C LYS B 68 0.15 22.42 10.19
N ILE B 69 -0.11 22.30 11.50
CA ILE B 69 -1.44 22.01 12.02
C ILE B 69 -2.25 23.27 11.93
N ALA B 70 -1.77 24.32 12.59
CA ALA B 70 -2.48 25.64 12.70
C ALA B 70 -2.78 26.34 11.35
N ASP B 71 -1.92 26.12 10.35
CA ASP B 71 -2.11 26.60 9.01
C ASP B 71 -3.01 25.65 8.15
N GLY B 72 -3.57 24.62 8.78
CA GLY B 72 -4.54 23.68 8.22
C GLY B 72 -3.96 22.86 7.07
N SER B 73 -2.63 22.83 6.87
CA SER B 73 -2.06 21.85 5.90
C SER B 73 -2.39 20.40 6.24
N VAL B 74 -2.45 20.08 7.56
CA VAL B 74 -2.80 18.74 8.15
C VAL B 74 -3.55 18.83 9.48
N LYS B 75 -4.30 17.76 9.85
CA LYS B 75 -4.88 17.57 11.22
C LYS B 75 -3.90 16.63 11.98
N ARG B 76 -3.96 16.61 13.29
CA ARG B 76 -3.04 15.78 14.13
C ARG B 76 -3.22 14.34 13.75
N GLU B 77 -4.46 13.94 13.40
CA GLU B 77 -4.77 12.52 13.01
C GLU B 77 -4.13 12.13 11.72
N ASP B 78 -3.70 13.11 10.91
CA ASP B 78 -3.04 12.84 9.65
C ASP B 78 -1.55 13.16 9.68
N ILE B 79 -1.00 13.14 10.90
CA ILE B 79 0.45 13.19 11.10
C ILE B 79 0.77 11.94 11.90
N PHE B 80 1.76 11.19 11.42
CA PHE B 80 2.23 10.03 12.08
C PHE B 80 3.64 10.42 12.53
N TYR B 81 3.78 10.66 13.82
CA TYR B 81 5.04 11.08 14.39
C TYR B 81 5.70 9.98 15.26
N THR B 82 6.96 9.74 14.97
CA THR B 82 7.82 8.74 15.61
C THR B 82 8.91 9.42 16.47
N SER B 83 9.00 9.03 17.73
CA SER B 83 10.17 9.29 18.61
C SER B 83 10.82 7.97 18.98
N LYS B 84 12.00 8.06 19.63
CA LYS B 84 12.78 6.93 19.99
C LYS B 84 13.40 7.17 21.38
N LEU B 85 13.36 6.08 22.15
CA LEU B 85 13.92 6.00 23.47
C LEU B 85 15.40 5.76 23.33
N TRP B 86 16.20 6.72 23.83
CA TRP B 86 17.66 6.55 23.84
C TRP B 86 18.11 5.56 24.91
N SER B 87 19.28 4.99 24.69
CA SER B 87 19.84 3.92 25.45
C SER B 87 20.24 4.27 26.86
N ASN B 88 20.23 5.54 27.18
CA ASN B 88 20.43 5.94 28.55
C ASN B 88 19.13 5.89 29.36
N SER B 89 18.01 5.56 28.72
CA SER B 89 16.76 5.41 29.44
C SER B 89 16.07 4.03 29.29
N HIS B 90 16.85 3.01 29.07
CA HIS B 90 16.35 1.61 29.04
C HIS B 90 15.81 1.07 30.36
N ARG B 91 16.31 1.59 31.50
CA ARG B 91 15.85 1.07 32.79
C ARG B 91 14.36 1.29 32.88
N PRO B 92 13.63 0.28 33.35
CA PRO B 92 12.16 0.39 33.19
C PRO B 92 11.56 1.61 33.81
N GLU B 93 12.11 2.03 34.96
CA GLU B 93 11.59 3.26 35.62
C GLU B 93 11.93 4.58 34.89
N LEU B 94 12.79 4.52 33.88
CA LEU B 94 13.20 5.65 33.11
C LEU B 94 12.51 5.80 31.73
N VAL B 95 11.79 4.80 31.30
CA VAL B 95 11.16 4.79 29.95
C VAL B 95 10.03 5.82 29.83
N ARG B 96 9.04 5.76 30.72
CA ARG B 96 7.96 6.74 30.65
C ARG B 96 8.47 8.18 30.80
N PRO B 97 9.38 8.44 31.77
CA PRO B 97 9.93 9.83 31.85
C PRO B 97 10.62 10.30 30.57
N ALA B 98 11.28 9.41 29.81
CA ALA B 98 11.98 9.75 28.63
C ALA B 98 10.93 10.17 27.56
N LEU B 99 9.84 9.39 27.49
CA LEU B 99 8.77 9.69 26.54
C LEU B 99 8.12 11.04 26.90
N GLU B 100 7.85 11.26 28.20
CA GLU B 100 7.19 12.47 28.71
C GLU B 100 8.08 13.68 28.42
N ARG B 101 9.39 13.49 28.52
CA ARG B 101 10.34 14.56 28.20
C ARG B 101 10.27 14.92 26.71
N SER B 102 10.27 13.90 25.84
CA SER B 102 10.11 14.08 24.38
C SER B 102 8.76 14.82 24.12
N LEU B 103 7.70 14.37 24.77
CA LEU B 103 6.36 14.98 24.56
C LEU B 103 6.39 16.44 25.01
N LYS B 104 7.12 16.74 26.08
CA LYS B 104 7.13 18.11 26.64
C LYS B 104 7.83 19.05 25.69
N ASN B 105 8.89 18.54 25.09
CA ASN B 105 9.65 19.28 24.08
C ASN B 105 8.86 19.53 22.80
N LEU B 106 8.11 18.53 22.41
CA LEU B 106 7.23 18.57 21.24
C LEU B 106 5.97 19.41 21.47
N GLN B 107 5.57 19.58 22.72
CA GLN B 107 4.27 20.04 23.14
C GLN B 107 3.16 19.29 22.37
N LEU B 108 3.30 17.95 22.36
CA LEU B 108 2.25 17.07 21.89
C LEU B 108 1.79 16.15 22.99
N ASP B 109 0.57 15.69 22.84
CA ASP B 109 -0.09 14.84 23.82
CA ASP B 109 -0.10 14.83 23.83
C ASP B 109 0.38 13.38 23.78
N TYR B 110 0.71 12.95 22.57
CA TYR B 110 1.17 11.61 22.29
C TYR B 110 2.04 11.53 21.06
N VAL B 111 2.83 10.46 20.97
CA VAL B 111 3.53 10.13 19.72
C VAL B 111 2.76 9.00 19.05
N ASP B 112 2.81 8.95 17.75
CA ASP B 112 2.18 7.82 17.09
C ASP B 112 2.98 6.54 17.25
N LEU B 113 4.29 6.69 17.40
CA LEU B 113 5.17 5.56 17.46
C LEU B 113 6.33 5.90 18.37
N TYR B 114 6.64 4.98 19.30
CA TYR B 114 7.82 5.07 20.18
C TYR B 114 8.66 3.85 20.04
N LEU B 115 9.95 4.02 19.69
CA LEU B 115 10.81 2.92 19.43
C LEU B 115 11.91 2.80 20.46
N ILE B 116 12.37 1.60 20.68
CA ILE B 116 13.67 1.44 21.38
C ILE B 116 14.66 1.73 20.27
N HIS B 117 15.39 2.82 20.42
CA HIS B 117 16.39 3.26 19.40
C HIS B 117 17.50 2.27 19.03
N PHE B 118 18.07 1.61 20.02
CA PHE B 118 19.27 0.86 19.88
C PHE B 118 19.40 -0.08 21.06
N PRO B 119 19.71 -1.35 20.81
CA PRO B 119 19.49 -2.38 21.90
C PRO B 119 20.59 -2.43 22.96
N VAL B 120 21.69 -1.71 22.78
CA VAL B 120 22.74 -1.61 23.80
C VAL B 120 22.37 -0.47 24.71
N SER B 121 22.45 -0.73 26.01
CA SER B 121 22.19 0.23 27.05
C SER B 121 23.42 0.98 27.45
N VAL B 122 23.26 2.25 27.89
CA VAL B 122 24.33 3.09 28.48
C VAL B 122 23.91 3.64 29.78
N LYS B 123 24.87 4.07 30.62
CA LYS B 123 24.55 4.57 31.95
C LYS B 123 23.58 5.74 31.89
N PRO B 124 22.58 5.75 32.79
CA PRO B 124 21.67 6.82 32.88
C PRO B 124 22.33 8.18 33.24
N GLY B 125 21.70 9.23 32.77
CA GLY B 125 22.21 10.60 33.02
C GLY B 125 22.01 11.43 31.77
N GLU B 126 22.40 12.72 31.85
CA GLU B 126 22.09 13.60 30.75
C GLU B 126 22.85 13.25 29.48
N GLU B 127 24.11 12.86 29.62
CA GLU B 127 24.94 12.55 28.48
C GLU B 127 24.50 11.31 27.74
N VAL B 128 24.30 11.47 26.44
CA VAL B 128 23.75 10.41 25.67
C VAL B 128 24.79 9.36 25.28
N ILE B 129 26.07 9.73 25.20
CA ILE B 129 27.13 8.74 25.03
C ILE B 129 28.16 8.94 26.18
N PRO B 130 27.78 8.50 27.35
CA PRO B 130 28.73 8.71 28.46
C PRO B 130 29.99 7.89 28.38
N LYS B 131 31.07 8.53 28.79
CA LYS B 131 32.38 7.90 28.76
C LYS B 131 33.14 8.02 30.04
N ASP B 132 33.99 7.04 30.23
CA ASP B 132 34.80 6.90 31.46
C ASP B 132 36.15 7.63 31.31
N GLU B 133 37.00 7.52 32.31
CA GLU B 133 38.25 8.28 32.37
C GLU B 133 39.22 7.90 31.28
N ASN B 134 39.07 6.69 30.75
CA ASN B 134 39.89 6.14 29.65
C ASN B 134 39.26 6.36 28.29
N GLY B 135 38.21 7.17 28.24
CA GLY B 135 37.46 7.48 27.05
C GLY B 135 36.57 6.36 26.47
N LYS B 136 36.25 5.35 27.27
CA LYS B 136 35.49 4.17 26.82
C LYS B 136 34.05 4.41 27.22
N ILE B 137 33.13 3.89 26.47
CA ILE B 137 31.72 4.11 26.74
C ILE B 137 31.32 3.46 28.05
N LEU B 138 30.48 4.16 28.85
CA LEU B 138 29.94 3.61 30.09
C LEU B 138 28.64 2.87 29.73
N PHE B 139 28.82 1.62 29.27
CA PHE B 139 27.72 0.69 29.02
C PHE B 139 27.00 0.38 30.35
N ASP B 140 25.73 0.01 30.20
CA ASP B 140 24.92 -0.43 31.31
C ASP B 140 24.42 -1.83 30.96
N THR B 141 23.74 -2.47 31.91
CA THR B 141 23.14 -3.76 31.66
C THR B 141 21.66 -3.63 32.06
N VAL B 142 20.75 -3.88 31.10
CA VAL B 142 19.30 -3.74 31.32
C VAL B 142 18.61 -4.84 30.50
N ASP B 143 17.75 -5.61 31.15
CA ASP B 143 16.90 -6.61 30.52
C ASP B 143 15.94 -5.94 29.56
N LEU B 144 16.16 -6.15 28.27
CA LEU B 144 15.31 -5.46 27.28
C LEU B 144 13.84 -5.92 27.41
N CYS B 145 13.61 -7.12 27.91
CA CYS B 145 12.22 -7.49 28.21
C CYS B 145 11.53 -6.57 29.25
N ALA B 146 12.28 -6.06 30.20
CA ALA B 146 11.80 -5.08 31.18
C ALA B 146 11.60 -3.72 30.53
N THR B 147 12.51 -3.31 29.64
CA THR B 147 12.35 -2.09 28.89
C THR B 147 11.08 -2.24 28.09
N TRP B 148 10.88 -3.38 27.43
CA TRP B 148 9.69 -3.58 26.60
C TRP B 148 8.40 -3.54 27.39
N GLU B 149 8.34 -4.14 28.57
CA GLU B 149 7.17 -4.05 29.44
C GLU B 149 6.87 -2.61 29.79
N ALA B 150 7.92 -1.80 30.00
CA ALA B 150 7.73 -0.34 30.31
C ALA B 150 7.21 0.37 29.05
N MET B 151 7.65 -0.05 27.83
CA MET B 151 7.10 0.50 26.57
C MET B 151 5.64 0.17 26.43
N GLU B 152 5.26 -1.06 26.79
CA GLU B 152 3.84 -1.42 26.73
C GLU B 152 3.00 -0.54 27.61
N LYS B 153 3.51 -0.20 28.82
CA LYS B 153 2.74 0.62 29.68
C LYS B 153 2.57 2.02 29.11
N CYS B 154 3.52 2.48 28.35
CA CYS B 154 3.40 3.80 27.75
C CYS B 154 2.29 3.79 26.68
N LYS B 155 2.16 2.72 25.95
CA LYS B 155 1.05 2.55 24.98
C LYS B 155 -0.27 2.43 25.71
N ASP B 156 -0.29 1.68 26.81
CA ASP B 156 -1.54 1.60 27.55
C ASP B 156 -1.97 2.88 28.18
N ALA B 157 -1.01 3.74 28.51
CA ALA B 157 -1.25 5.09 29.04
C ALA B 157 -1.68 6.11 27.95
N GLY B 158 -1.68 5.69 26.70
CA GLY B 158 -2.03 6.57 25.57
C GLY B 158 -0.94 7.55 25.12
N LEU B 159 0.27 7.44 25.72
CA LEU B 159 1.40 8.31 25.41
C LEU B 159 2.05 8.00 24.04
N ALA B 160 1.96 6.73 23.65
CA ALA B 160 2.39 6.26 22.36
C ALA B 160 1.26 5.45 21.78
N LYS B 161 0.86 5.73 20.56
CA LYS B 161 -0.17 4.89 19.93
C LYS B 161 0.28 3.50 19.60
N SER B 162 1.53 3.39 19.13
CA SER B 162 2.14 2.15 18.81
C SER B 162 3.62 2.17 19.30
N ILE B 163 4.16 0.98 19.48
CA ILE B 163 5.54 0.77 19.98
C ILE B 163 6.26 -0.18 19.07
N GLY B 164 7.57 0.08 18.92
CA GLY B 164 8.39 -0.66 18.03
C GLY B 164 9.82 -0.67 18.51
N VAL B 165 10.65 -1.21 17.66
CA VAL B 165 12.09 -1.28 17.86
C VAL B 165 12.88 -0.77 16.65
N SER B 166 14.14 -0.52 16.89
CA SER B 166 15.07 -0.12 15.85
C SER B 166 16.42 -0.79 16.08
N ASN B 167 17.12 -1.15 15.00
CA ASN B 167 18.41 -1.78 15.08
C ASN B 167 18.44 -3.09 15.81
N PHE B 168 17.33 -3.83 15.77
CA PHE B 168 17.25 -5.15 16.35
C PHE B 168 17.54 -6.13 15.27
N ASN B 169 18.21 -7.21 15.65
CA ASN B 169 18.48 -8.35 14.78
C ASN B 169 17.48 -9.47 15.12
N HIS B 170 17.61 -10.60 14.46
CA HIS B 170 16.67 -11.70 14.64
C HIS B 170 16.61 -12.14 16.10
N ARG B 171 17.77 -12.33 16.71
CA ARG B 171 17.82 -12.81 18.10
C ARG B 171 17.08 -11.89 19.02
N LEU B 172 17.32 -10.61 18.88
CA LEU B 172 16.68 -9.63 19.77
C LEU B 172 15.16 -9.52 19.50
N LEU B 173 14.74 -9.60 18.21
CA LEU B 173 13.30 -9.62 17.90
C LEU B 173 12.62 -10.84 18.58
N GLU B 174 13.29 -11.96 18.52
CA GLU B 174 12.78 -13.16 19.18
C GLU B 174 12.68 -13.08 20.68
N MET B 175 13.67 -12.39 21.30
CA MET B 175 13.61 -12.19 22.74
C MET B 175 12.27 -11.48 23.09
N ILE B 176 11.87 -10.48 22.27
CA ILE B 176 10.63 -9.72 22.59
C ILE B 176 9.42 -10.62 22.22
N LEU B 177 9.45 -11.17 21.03
CA LEU B 177 8.30 -11.93 20.53
C LEU B 177 7.98 -13.15 21.43
N ASN B 178 9.01 -13.76 22.02
CA ASN B 178 8.81 -14.91 22.92
C ASN B 178 8.74 -14.56 24.39
N LYS B 179 8.73 -13.28 24.73
CA LYS B 179 8.66 -12.85 26.13
C LYS B 179 7.40 -13.36 26.76
N PRO B 180 7.54 -13.95 27.91
CA PRO B 180 6.37 -14.35 28.64
C PRO B 180 5.49 -13.16 28.98
N GLY B 181 4.23 -13.35 28.70
CA GLY B 181 3.21 -12.38 29.01
C GLY B 181 3.21 -11.20 28.08
N LEU B 182 3.87 -11.31 26.94
CA LEU B 182 3.89 -10.21 25.95
C LEU B 182 2.50 -9.67 25.73
N LYS B 183 2.36 -8.35 25.74
CA LYS B 183 1.10 -7.70 25.48
C LYS B 183 1.01 -7.22 24.03
N TYR B 184 2.07 -6.56 23.57
CA TYR B 184 2.12 -5.98 22.22
C TYR B 184 3.41 -6.38 21.54
N LYS B 185 3.29 -6.97 20.35
CA LYS B 185 4.47 -7.14 19.51
C LYS B 185 4.97 -5.74 19.13
N PRO B 186 6.24 -5.60 18.82
CA PRO B 186 6.73 -4.44 18.10
C PRO B 186 6.02 -4.29 16.73
N VAL B 187 5.60 -3.07 16.35
CA VAL B 187 4.90 -2.93 15.08
C VAL B 187 5.89 -2.91 13.93
N CYS B 188 7.12 -2.64 14.30
CA CYS B 188 8.15 -2.37 13.33
C CYS B 188 9.53 -2.59 13.86
N ASN B 189 10.45 -2.75 12.93
CA ASN B 189 11.90 -2.76 13.20
C ASN B 189 12.50 -1.75 12.22
N GLN B 190 12.92 -0.59 12.72
CA GLN B 190 13.54 0.43 11.88
C GLN B 190 15.02 0.11 11.78
N VAL B 191 15.48 -0.16 10.55
CA VAL B 191 16.85 -0.61 10.30
C VAL B 191 17.35 -0.01 9.00
N GLU B 192 18.67 -0.06 8.81
CA GLU B 192 19.29 0.38 7.55
C GLU B 192 18.84 -0.53 6.42
N CYS B 193 18.41 0.09 5.32
CA CYS B 193 18.03 -0.71 4.15
C CYS B 193 18.02 0.14 2.88
N HIS B 194 18.63 -0.45 1.86
CA HIS B 194 18.97 0.17 0.55
C HIS B 194 19.51 -0.93 -0.38
N PRO B 195 19.71 -0.59 -1.68
CA PRO B 195 20.06 -1.56 -2.70
C PRO B 195 21.40 -2.23 -2.47
N TYR B 196 22.31 -1.56 -1.74
CA TYR B 196 23.56 -2.21 -1.30
C TYR B 196 23.50 -3.05 -0.02
N PHE B 197 22.40 -2.96 0.72
CA PHE B 197 22.20 -3.74 1.95
C PHE B 197 20.66 -3.87 2.06
N ASN B 198 20.11 -4.80 1.27
CA ASN B 198 18.66 -4.84 1.08
C ASN B 198 17.90 -5.68 2.09
N GLN B 199 18.62 -6.36 2.98
CA GLN B 199 18.06 -6.96 4.21
C GLN B 199 17.00 -8.01 3.92
N ARG B 200 17.15 -8.77 2.86
CA ARG B 200 16.14 -9.76 2.51
C ARG B 200 15.84 -10.78 3.59
N LYS B 201 16.86 -11.25 4.31
CA LYS B 201 16.65 -12.22 5.37
C LYS B 201 15.77 -11.63 6.48
N LEU B 202 16.18 -10.48 6.96
CA LEU B 202 15.55 -9.82 8.09
C LEU B 202 14.14 -9.40 7.65
N LEU B 203 14.04 -8.89 6.43
CA LEU B 203 12.72 -8.46 5.92
C LEU B 203 11.73 -9.60 5.84
N ASP B 204 12.18 -10.71 5.27
CA ASP B 204 11.33 -11.88 5.26
C ASP B 204 10.95 -12.30 6.69
N PHE B 205 11.90 -12.27 7.64
CA PHE B 205 11.56 -12.70 9.01
C PHE B 205 10.49 -11.76 9.57
N CYS B 206 10.71 -10.46 9.39
CA CYS B 206 9.76 -9.46 9.83
C CYS B 206 8.39 -9.68 9.21
N LYS B 207 8.39 -9.88 7.90
CA LYS B 207 7.15 -10.30 7.22
C LYS B 207 6.42 -11.47 7.89
N SER B 208 7.17 -12.50 8.25
CA SER B 208 6.61 -13.72 8.82
C SER B 208 5.91 -13.46 10.18
N LYS B 209 6.32 -12.36 10.82
CA LYS B 209 5.75 -11.95 12.13
C LYS B 209 4.85 -10.74 12.06
N ASP B 210 4.49 -10.33 10.87
CA ASP B 210 3.72 -9.11 10.61
C ASP B 210 4.32 -7.90 11.36
N ILE B 211 5.66 -7.81 11.30
CA ILE B 211 6.40 -6.63 11.67
C ILE B 211 6.83 -5.91 10.43
N VAL B 212 6.61 -4.60 10.41
CA VAL B 212 6.96 -3.78 9.25
C VAL B 212 8.44 -3.40 9.37
N LEU B 213 9.20 -3.63 8.32
CA LEU B 213 10.58 -3.09 8.29
C LEU B 213 10.48 -1.66 7.78
N VAL B 214 11.06 -0.75 8.54
CA VAL B 214 11.15 0.65 8.21
C VAL B 214 12.62 0.91 7.86
N ALA B 215 12.84 1.35 6.61
CA ALA B 215 14.18 1.50 6.03
C ALA B 215 14.71 2.92 6.32
N TYR B 216 15.87 2.98 6.98
CA TYR B 216 16.63 4.21 7.08
C TYR B 216 17.91 4.10 6.21
N SER B 217 18.51 5.25 5.96
CA SER B 217 19.65 5.32 5.00
C SER B 217 19.30 4.69 3.65
N ALA B 218 18.05 4.90 3.28
CA ALA B 218 17.46 4.31 2.08
C ALA B 218 18.08 4.97 0.84
N LEU B 219 18.55 6.21 1.01
CA LEU B 219 19.30 6.95 -0.07
C LEU B 219 20.83 6.91 0.07
N GLY B 220 21.34 5.98 0.88
CA GLY B 220 22.77 5.83 1.10
C GLY B 220 23.32 6.59 2.31
N SER B 221 22.42 7.21 3.07
CA SER B 221 22.72 7.87 4.40
C SER B 221 23.28 9.27 4.26
N HIS B 222 23.14 10.04 5.34
CA HIS B 222 23.77 11.39 5.53
C HIS B 222 25.30 11.38 5.33
N ARG B 223 25.93 10.20 5.35
CA ARG B 223 27.39 10.07 5.20
C ARG B 223 28.19 10.95 6.20
N GLU B 224 27.64 11.16 7.40
CA GLU B 224 28.29 11.98 8.42
C GLU B 224 29.50 11.25 9.01
N GLU B 225 30.60 12.00 9.20
CA GLU B 225 31.75 11.50 9.92
C GLU B 225 31.56 11.84 11.40
N PRO B 226 31.93 10.88 12.29
CA PRO B 226 32.59 9.60 11.96
C PRO B 226 31.66 8.36 11.96
N TRP B 227 30.33 8.57 11.94
CA TRP B 227 29.35 7.44 11.91
C TRP B 227 29.52 6.57 10.65
N VAL B 228 29.86 7.21 9.52
CA VAL B 228 29.94 6.54 8.21
C VAL B 228 31.34 6.67 7.59
N ASP B 229 31.92 5.53 7.25
CA ASP B 229 33.17 5.45 6.49
C ASP B 229 33.07 6.34 5.22
N PRO B 230 33.93 7.41 5.11
CA PRO B 230 33.89 8.26 3.90
C PRO B 230 34.34 7.53 2.63
N ASN B 231 34.99 6.39 2.78
CA ASN B 231 35.41 5.55 1.64
C ASN B 231 34.35 4.50 1.24
N SER B 232 33.14 4.58 1.80
CA SER B 232 32.03 3.68 1.40
C SER B 232 31.45 4.19 0.08
N PRO B 233 30.97 3.27 -0.81
CA PRO B 233 30.40 3.75 -2.10
C PRO B 233 29.18 4.69 -1.97
N VAL B 234 29.10 5.71 -2.84
CA VAL B 234 27.95 6.60 -2.88
C VAL B 234 26.84 5.85 -3.67
N LEU B 235 25.77 5.47 -2.95
CA LEU B 235 24.72 4.60 -3.51
C LEU B 235 24.12 5.22 -4.77
N LEU B 236 23.82 6.50 -4.66
CA LEU B 236 23.08 7.24 -5.64
C LEU B 236 23.84 7.56 -6.97
N GLU B 237 25.08 7.07 -7.08
CA GLU B 237 25.85 7.14 -8.32
C GLU B 237 25.97 5.73 -8.86
N ASP B 238 25.27 4.76 -8.26
CA ASP B 238 25.30 3.43 -8.80
C ASP B 238 24.86 3.59 -10.26
N PRO B 239 25.53 2.87 -11.19
CA PRO B 239 25.19 2.98 -12.61
C PRO B 239 23.77 2.48 -12.96
N VAL B 240 23.45 1.24 -12.54
CA VAL B 240 22.13 0.61 -12.70
C VAL B 240 20.99 1.51 -12.19
N LEU B 241 21.13 2.01 -10.96
CA LEU B 241 20.17 2.99 -10.42
C LEU B 241 20.06 4.25 -11.28
N CYS B 242 21.20 4.76 -11.74
CA CYS B 242 21.21 5.95 -12.64
C CYS B 242 20.59 5.62 -14.03
N ALA B 243 20.85 4.40 -14.52
CA ALA B 243 20.31 3.93 -15.82
C ALA B 243 18.79 3.85 -15.72
N LEU B 244 18.28 3.09 -14.74
CA LEU B 244 16.83 3.05 -14.44
C LEU B 244 16.25 4.43 -14.21
N ALA B 245 16.97 5.30 -13.57
CA ALA B 245 16.49 6.67 -13.37
C ALA B 245 16.37 7.46 -14.70
N LYS B 246 17.42 7.40 -15.53
CA LYS B 246 17.37 8.07 -16.86
C LYS B 246 16.13 7.63 -17.63
N LYS B 247 15.99 6.31 -17.70
CA LYS B 247 14.92 5.65 -18.44
C LYS B 247 13.52 6.09 -18.01
N HIS B 248 13.33 6.35 -16.70
CA HIS B 248 12.04 6.79 -16.20
C HIS B 248 11.90 8.31 -16.19
N LYS B 249 12.96 9.03 -16.55
CA LYS B 249 12.94 10.51 -16.40
C LYS B 249 12.67 10.86 -14.91
N ARG B 250 13.37 10.16 -14.01
CA ARG B 250 13.32 10.37 -12.55
C ARG B 250 14.77 10.45 -12.02
N THR B 251 14.92 10.72 -10.71
CA THR B 251 16.24 10.75 -10.03
C THR B 251 16.53 9.36 -9.44
N PRO B 252 17.82 8.97 -9.30
CA PRO B 252 18.11 7.62 -8.75
C PRO B 252 17.60 7.38 -7.33
N ALA B 253 17.50 8.46 -6.56
CA ALA B 253 16.87 8.45 -5.26
C ALA B 253 15.49 7.77 -5.37
N LEU B 254 14.73 8.18 -6.39
CA LEU B 254 13.31 7.74 -6.56
C LEU B 254 13.29 6.25 -6.90
N ILE B 255 14.25 5.81 -7.70
CA ILE B 255 14.38 4.36 -7.97
C ILE B 255 14.62 3.68 -6.60
N ALA B 256 15.50 4.26 -5.78
CA ALA B 256 15.84 3.62 -4.50
C ALA B 256 14.67 3.57 -3.51
N LEU B 257 13.94 4.68 -3.39
CA LEU B 257 12.73 4.69 -2.58
C LEU B 257 11.66 3.77 -3.16
N ARG B 258 11.46 3.77 -4.47
CA ARG B 258 10.36 3.01 -5.03
C ARG B 258 10.56 1.51 -4.88
N TYR B 259 11.82 1.08 -4.97
CA TYR B 259 12.19 -0.26 -4.70
C TYR B 259 11.58 -0.69 -3.38
N GLN B 260 11.71 0.17 -2.38
CA GLN B 260 11.34 -0.22 -1.01
C GLN B 260 9.84 -0.34 -0.93
N LEU B 261 9.15 0.66 -1.45
CA LEU B 261 7.65 0.60 -1.42
C LEU B 261 7.18 -0.69 -2.03
N GLN B 262 7.77 -1.09 -3.15
CA GLN B 262 7.30 -2.27 -3.82
C GLN B 262 7.56 -3.61 -3.16
N ARG B 263 8.65 -3.73 -2.39
CA ARG B 263 8.98 -4.95 -1.67
C ARG B 263 8.34 -4.95 -0.26
N GLY B 264 7.49 -3.98 0.00
CA GLY B 264 6.67 -3.96 1.23
C GLY B 264 7.30 -3.29 2.42
N VAL B 265 8.30 -2.48 2.17
CA VAL B 265 9.05 -1.77 3.20
C VAL B 265 8.52 -0.33 3.31
N VAL B 266 8.41 0.21 4.52
CA VAL B 266 8.07 1.58 4.70
C VAL B 266 9.43 2.29 4.64
N VAL B 267 9.49 3.38 3.88
CA VAL B 267 10.82 3.98 3.58
C VAL B 267 10.87 5.42 4.16
N LEU B 268 11.97 5.74 4.83
CA LEU B 268 12.19 7.12 5.24
C LEU B 268 13.09 7.86 4.23
N ALA B 269 13.00 9.16 4.20
CA ALA B 269 13.92 9.97 3.36
C ALA B 269 14.09 11.32 4.01
N LYS B 270 15.34 11.68 4.25
CA LYS B 270 15.60 12.96 4.86
C LYS B 270 16.10 13.89 3.75
N SER B 271 15.53 15.07 3.72
CA SER B 271 16.09 16.19 2.93
C SER B 271 15.82 17.48 3.62
N TYR B 272 16.77 18.40 3.52
CA TYR B 272 16.53 19.73 4.01
C TYR B 272 16.37 20.69 2.83
N ASN B 273 16.28 20.17 1.62
CA ASN B 273 16.09 21.04 0.42
C ASN B 273 14.64 21.11 -0.13
N GLU B 274 14.02 22.31 -0.16
CA GLU B 274 12.61 22.55 -0.68
C GLU B 274 12.26 21.70 -1.89
N GLN B 275 13.16 21.64 -2.87
CA GLN B 275 12.96 20.85 -4.11
C GLN B 275 13.11 19.32 -3.98
N ARG B 276 14.00 18.87 -3.09
CA ARG B 276 14.28 17.43 -3.04
C ARG B 276 13.17 16.75 -2.26
N ILE B 277 12.64 17.50 -1.32
CA ILE B 277 11.51 17.10 -0.51
C ILE B 277 10.29 16.88 -1.40
N ARG B 278 10.11 17.76 -2.39
CA ARG B 278 8.93 17.72 -3.23
C ARG B 278 9.14 16.62 -4.25
N GLN B 279 10.38 16.40 -4.61
CA GLN B 279 10.70 15.34 -5.51
C GLN B 279 10.41 13.96 -4.91
N ASN B 280 10.75 13.83 -3.64
CA ASN B 280 10.70 12.56 -2.96
C ASN B 280 9.25 12.07 -2.87
N VAL B 281 8.30 12.97 -2.70
CA VAL B 281 6.85 12.64 -2.67
C VAL B 281 6.38 12.03 -4.03
N GLN B 282 7.20 12.18 -5.10
CA GLN B 282 6.79 11.70 -6.43
C GLN B 282 7.04 10.22 -6.51
N VAL B 283 7.46 9.56 -5.39
CA VAL B 283 7.65 8.11 -5.40
C VAL B 283 6.30 7.40 -5.70
N PHE B 284 5.20 8.10 -5.50
CA PHE B 284 3.86 7.47 -5.66
C PHE B 284 3.39 7.57 -7.15
N GLU B 285 4.24 8.13 -8.03
CA GLU B 285 3.78 8.50 -9.39
C GLU B 285 4.21 7.58 -10.49
N PHE B 286 5.03 6.59 -10.14
CA PHE B 286 5.49 5.55 -11.05
C PHE B 286 5.67 4.19 -10.35
N GLN B 287 5.96 3.14 -11.13
CA GLN B 287 6.07 1.75 -10.69
C GLN B 287 7.22 1.12 -11.41
N LEU B 288 7.80 0.10 -10.80
CA LEU B 288 8.89 -0.65 -11.39
C LEU B 288 8.41 -2.01 -11.78
N THR B 289 8.86 -2.51 -12.91
CA THR B 289 8.44 -3.80 -13.38
C THR B 289 9.20 -4.87 -12.60
N SER B 290 8.80 -6.10 -12.70
CA SER B 290 9.49 -7.22 -12.07
C SER B 290 10.97 -7.38 -12.46
N GLU B 291 11.29 -7.06 -13.71
CA GLU B 291 12.67 -7.25 -14.24
C GLU B 291 13.53 -6.22 -13.59
N GLU B 292 12.95 -5.02 -13.46
CA GLU B 292 13.62 -3.90 -12.90
C GLU B 292 13.89 -4.02 -11.37
N MET B 293 13.07 -4.84 -10.69
CA MET B 293 13.18 -5.05 -9.26
C MET B 293 14.23 -6.10 -9.04
N LYS B 294 14.23 -7.12 -9.92
CA LYS B 294 15.32 -8.09 -9.95
C LYS B 294 16.67 -7.42 -10.21
N ALA B 295 16.69 -6.33 -10.97
CA ALA B 295 17.93 -5.65 -11.30
C ALA B 295 18.45 -5.01 -10.01
N ILE B 296 17.53 -4.41 -9.25
CA ILE B 296 17.91 -3.69 -7.98
C ILE B 296 18.33 -4.73 -6.95
N ASP B 297 17.57 -5.80 -6.84
CA ASP B 297 17.95 -6.93 -6.01
C ASP B 297 19.41 -7.35 -6.28
N GLY B 298 19.78 -7.28 -7.55
CA GLY B 298 21.14 -7.58 -7.99
C GLY B 298 22.22 -6.70 -7.37
N LEU B 299 21.88 -5.45 -7.05
CA LEU B 299 22.83 -4.47 -6.49
C LEU B 299 23.28 -4.68 -5.07
N ASN B 300 22.69 -5.66 -4.40
CA ASN B 300 23.04 -5.97 -3.03
C ASN B 300 24.48 -6.44 -2.91
N ARG B 301 25.21 -5.91 -1.95
CA ARG B 301 26.61 -6.36 -1.77
C ARG B 301 27.03 -6.26 -0.31
N ASN B 302 26.07 -6.30 0.62
CA ASN B 302 26.37 -6.40 2.04
C ASN B 302 27.25 -5.25 2.56
N VAL B 303 27.03 -4.02 2.07
CA VAL B 303 27.66 -2.81 2.66
C VAL B 303 26.72 -2.12 3.66
N ARG B 304 27.15 -2.14 4.92
CA ARG B 304 26.44 -1.43 5.98
C ARG B 304 27.02 -0.04 6.26
N TYR B 305 26.39 1.04 5.86
CA TYR B 305 26.90 2.37 6.18
C TYR B 305 27.00 2.68 7.71
N LEU B 306 26.02 2.22 8.50
CA LEU B 306 25.90 2.60 9.92
C LEU B 306 26.15 1.37 10.81
N THR B 307 27.41 1.15 11.17
CA THR B 307 27.78 0.01 11.99
C THR B 307 27.53 0.27 13.45
N LEU B 308 27.53 1.53 13.84
CA LEU B 308 27.45 2.00 15.24
C LEU B 308 28.45 1.25 16.11
N ASP B 309 29.64 1.01 15.53
CA ASP B 309 30.60 0.13 16.20
C ASP B 309 31.24 0.70 17.46
N ILE B 310 31.07 2.00 17.71
CA ILE B 310 31.43 2.57 19.01
C ILE B 310 30.68 1.80 20.12
N PHE B 311 29.57 1.17 19.80
CA PHE B 311 28.79 0.43 20.80
C PHE B 311 29.06 -1.06 20.80
N ALA B 312 30.12 -1.50 20.13
CA ALA B 312 30.39 -2.92 20.07
C ALA B 312 30.93 -3.42 21.40
N GLY B 313 30.76 -4.72 21.61
CA GLY B 313 31.14 -5.38 22.87
C GLY B 313 30.03 -5.98 23.71
N PRO B 314 29.00 -5.17 24.04
CA PRO B 314 27.95 -5.78 24.85
C PRO B 314 27.14 -6.90 24.14
N PRO B 315 26.52 -7.76 24.92
CA PRO B 315 25.77 -8.90 24.35
C PRO B 315 24.70 -8.48 23.36
N ASN B 316 24.09 -7.33 23.60
CA ASN B 316 23.04 -6.83 22.68
C ASN B 316 23.49 -6.01 21.50
N TYR B 317 24.78 -5.92 21.21
CA TYR B 317 25.23 -5.20 20.05
C TYR B 317 24.70 -6.06 18.86
N PRO B 318 23.99 -5.43 17.92
CA PRO B 318 23.13 -6.26 17.00
C PRO B 318 23.79 -6.72 15.70
N PHE B 319 24.97 -6.20 15.41
CA PHE B 319 25.69 -6.49 14.15
C PHE B 319 27.01 -7.27 14.33
#